data_4MF6
#
_entry.id   4MF6
#
_cell.length_a   84.175
_cell.length_b   84.175
_cell.length_c   78.597
_cell.angle_alpha   90.00
_cell.angle_beta   90.00
_cell.angle_gamma   90.00
#
_symmetry.space_group_name_H-M   'P 43 21 2'
#
loop_
_entity.id
_entity.type
_entity.pdbx_description
1 polymer 'Glutathione S-transferase domain'
2 non-polymer GLUTATHIONE
3 non-polymer 'BENZOIC ACID'
4 water water
#
_entity_poly.entity_id   1
_entity_poly.type   'polypeptide(L)'
_entity_poly.pdbx_seq_one_letter_code
;MHHHHHHSSGVDLGTENLYFQSMTDLSAFPITKKWPAAHPERLQLYSLPTPNGVKVSIMLEETGLPYEPHLVRFDTNDQL
TPEFMSLNPNNKIPAIIDPNGPDGKPLPLFESGAILIYLADKTGQLIPQDAAGRYEAIQWVMFQMGGIGPMFGQLGFFHK
FAGKEYEDKRPRDRYVAESKRLLGVLEQRLEGREWILGDQYSIADIATFPWVRNLIGFYEAGELVAIQDFPNVQRALAAF
VARPAVVRGLDSPKRG
;
_entity_poly.pdbx_strand_id   A
#
# COMPACT_ATOMS: atom_id res chain seq x y z
N ASN A 17 -20.70 -0.25 -32.75
CA ASN A 17 -21.08 0.66 -31.62
C ASN A 17 -21.85 1.89 -32.10
N LEU A 18 -22.82 1.68 -32.99
CA LEU A 18 -23.59 2.80 -33.53
C LEU A 18 -24.75 3.23 -32.64
N TYR A 19 -25.34 2.28 -31.91
CA TYR A 19 -26.62 2.53 -31.22
C TYR A 19 -26.56 2.41 -29.72
N PHE A 20 -25.50 1.80 -29.22
CA PHE A 20 -25.30 1.69 -27.78
C PHE A 20 -23.90 1.28 -27.44
N GLN A 21 -23.65 1.43 -26.16
CA GLN A 21 -22.37 1.22 -25.55
C GLN A 21 -21.91 -0.24 -25.69
N SER A 22 -20.64 -0.43 -26.04
CA SER A 22 -20.03 -1.76 -25.95
C SER A 22 -19.81 -2.08 -24.48
N MET A 23 -19.75 -3.37 -24.16
CA MET A 23 -19.14 -3.81 -22.89
C MET A 23 -17.77 -3.13 -22.79
N THR A 24 -17.37 -2.75 -21.58
CA THR A 24 -16.13 -1.98 -21.36
C THR A 24 -14.94 -2.67 -22.02
N ASP A 25 -14.22 -1.93 -22.88
CA ASP A 25 -13.08 -2.45 -23.60
C ASP A 25 -11.79 -1.81 -23.07
N LEU A 26 -10.94 -2.62 -22.44
CA LEU A 26 -9.65 -2.15 -21.89
C LEU A 26 -8.49 -2.60 -22.75
N SER A 27 -8.75 -2.97 -23.99
CA SER A 27 -7.71 -3.51 -24.89
C SER A 27 -6.68 -2.48 -25.28
N ALA A 28 -6.95 -1.19 -25.07
CA ALA A 28 -5.94 -0.15 -25.29
C ALA A 28 -4.76 -0.26 -24.32
N PHE A 29 -4.94 -1.02 -23.25
CA PHE A 29 -3.92 -1.17 -22.20
C PHE A 29 -3.25 -2.52 -22.38
N PRO A 30 -2.00 -2.53 -22.86
CA PRO A 30 -1.37 -3.82 -23.14
C PRO A 30 -1.25 -4.79 -21.97
N ILE A 31 -1.31 -4.30 -20.75
CA ILE A 31 -1.25 -5.18 -19.60
C ILE A 31 -2.37 -6.22 -19.63
N THR A 32 -3.48 -5.88 -20.25
CA THR A 32 -4.64 -6.78 -20.28
C THR A 32 -4.42 -8.00 -21.17
N LYS A 33 -3.35 -8.00 -21.98
CA LYS A 33 -2.97 -9.22 -22.71
C LYS A 33 -2.48 -10.28 -21.73
N LYS A 34 -1.78 -9.87 -20.67
CA LYS A 34 -1.24 -10.80 -19.69
C LYS A 34 -2.23 -11.14 -18.58
N TRP A 35 -3.02 -10.15 -18.16
CA TRP A 35 -4.07 -10.35 -17.15
C TRP A 35 -5.38 -9.83 -17.70
N PRO A 36 -6.08 -10.66 -18.49
CA PRO A 36 -7.34 -10.21 -19.08
C PRO A 36 -8.37 -9.85 -18.02
N ALA A 37 -9.21 -8.88 -18.32
CA ALA A 37 -10.26 -8.46 -17.43
C ALA A 37 -11.48 -9.33 -17.64
N ALA A 38 -11.81 -10.17 -16.66
CA ALA A 38 -13.11 -10.90 -16.66
C ALA A 38 -14.27 -9.96 -16.35
N HIS A 39 -13.97 -8.88 -15.65
CA HIS A 39 -14.94 -7.90 -15.18
C HIS A 39 -14.46 -6.49 -15.53
N PRO A 40 -14.49 -6.13 -16.82
CA PRO A 40 -13.87 -4.88 -17.25
C PRO A 40 -14.59 -3.62 -16.76
N GLU A 41 -15.78 -3.79 -16.19
CA GLU A 41 -16.51 -2.70 -15.54
C GLU A 41 -16.00 -2.38 -14.14
N ARG A 42 -15.08 -3.18 -13.62
CA ARG A 42 -14.50 -3.00 -12.29
C ARG A 42 -13.07 -2.49 -12.40
N LEU A 43 -12.67 -1.68 -11.42
CA LEU A 43 -11.28 -1.32 -11.25
C LEU A 43 -10.42 -2.57 -11.29
N GLN A 44 -9.33 -2.50 -12.07
CA GLN A 44 -8.40 -3.61 -12.22
C GLN A 44 -7.20 -3.33 -11.32
N LEU A 45 -6.87 -4.28 -10.46
CA LEU A 45 -5.73 -4.17 -9.55
C LEU A 45 -4.69 -5.20 -9.91
N TYR A 46 -3.46 -4.77 -10.15
CA TYR A 46 -2.33 -5.66 -10.49
C TYR A 46 -1.39 -5.58 -9.32
N SER A 47 -1.34 -6.64 -8.52
CA SER A 47 -0.73 -6.55 -7.22
C SER A 47 -0.25 -7.91 -6.69
N LEU A 48 0.29 -7.86 -5.50
CA LEU A 48 0.80 -8.98 -4.75
C LEU A 48 0.65 -8.57 -3.28
N PRO A 49 0.38 -9.49 -2.32
N PRO A 49 0.29 -9.52 -2.40
CA PRO A 49 0.04 -9.03 -0.93
CA PRO A 49 0.24 -9.16 -0.99
C PRO A 49 1.22 -8.54 0.00
C PRO A 49 1.66 -8.93 -0.49
N THR A 50 2.06 -7.69 -0.55
CA THR A 50 3.19 -7.11 0.10
C THR A 50 2.68 -5.86 0.83
N PRO A 51 3.55 -5.18 1.61
CA PRO A 51 3.03 -3.99 2.31
C PRO A 51 2.49 -2.93 1.39
N ASN A 52 3.11 -2.75 0.21
CA ASN A 52 2.61 -1.73 -0.73
C ASN A 52 1.36 -2.19 -1.46
N GLY A 53 1.31 -3.45 -1.87
CA GLY A 53 0.13 -3.95 -2.55
C GLY A 53 -1.10 -3.89 -1.66
N VAL A 54 -0.95 -4.28 -0.39
CA VAL A 54 -2.13 -4.35 0.48
C VAL A 54 -2.64 -2.97 0.86
N LYS A 55 -1.82 -1.92 0.75
CA LYS A 55 -2.39 -0.58 0.95
C LYS A 55 -3.62 -0.41 0.06
N VAL A 56 -3.47 -0.83 -1.21
CA VAL A 56 -4.53 -0.59 -2.19
C VAL A 56 -5.69 -1.55 -2.03
N SER A 57 -5.44 -2.85 -1.88
CA SER A 57 -6.54 -3.78 -1.62
C SER A 57 -7.27 -3.45 -0.34
N ILE A 58 -6.55 -3.06 0.71
CA ILE A 58 -7.24 -2.62 1.93
C ILE A 58 -8.12 -1.42 1.66
N MET A 59 -7.63 -0.40 0.94
CA MET A 59 -8.45 0.75 0.62
C MET A 59 -9.72 0.35 -0.12
N LEU A 60 -9.58 -0.52 -1.12
CA LEU A 60 -10.72 -1.01 -1.88
C LEU A 60 -11.71 -1.74 -0.98
N GLU A 61 -11.22 -2.59 -0.09
CA GLU A 61 -12.09 -3.32 0.80
C GLU A 61 -12.79 -2.40 1.81
N GLU A 62 -12.09 -1.39 2.29
CA GLU A 62 -12.67 -0.44 3.21
C GLU A 62 -13.78 0.36 2.59
N THR A 63 -13.54 0.84 1.37
CA THR A 63 -14.50 1.70 0.69
C THR A 63 -15.63 0.94 0.00
N GLY A 64 -15.44 -0.37 -0.22
CA GLY A 64 -16.42 -1.19 -0.91
C GLY A 64 -16.43 -1.04 -2.43
N LEU A 65 -15.45 -0.35 -2.99
CA LEU A 65 -15.41 -0.18 -4.44
C LEU A 65 -15.17 -1.53 -5.09
N PRO A 66 -15.96 -1.91 -6.10
CA PRO A 66 -15.69 -3.20 -6.76
C PRO A 66 -14.32 -3.21 -7.40
N TYR A 67 -13.66 -4.35 -7.37
CA TYR A 67 -12.39 -4.47 -8.08
C TYR A 67 -12.12 -5.89 -8.49
N GLU A 68 -11.27 -6.04 -9.49
CA GLU A 68 -10.85 -7.33 -10.00
C GLU A 68 -9.35 -7.44 -9.76
N PRO A 69 -8.94 -8.29 -8.81
CA PRO A 69 -7.52 -8.43 -8.52
C PRO A 69 -6.81 -9.40 -9.47
N HIS A 70 -5.56 -9.11 -9.75
CA HIS A 70 -4.71 -9.93 -10.61
C HIS A 70 -3.38 -10.11 -9.92
N LEU A 71 -2.97 -11.35 -9.75
CA LEU A 71 -1.74 -11.71 -9.06
C LEU A 71 -0.52 -11.53 -9.97
N VAL A 72 0.34 -10.60 -9.61
CA VAL A 72 1.57 -10.35 -10.30
C VAL A 72 2.64 -11.15 -9.58
N ARG A 73 3.12 -12.22 -10.21
CA ARG A 73 4.05 -13.14 -9.59
C ARG A 73 5.51 -12.77 -9.81
N PHE A 74 6.24 -12.62 -8.72
CA PHE A 74 7.65 -12.28 -8.79
C PHE A 74 8.48 -13.50 -9.18
N ASP A 75 8.02 -14.71 -8.88
CA ASP A 75 8.84 -15.90 -9.20
C ASP A 75 9.02 -16.08 -10.70
N THR A 76 8.03 -15.64 -11.48
CA THR A 76 8.11 -15.65 -12.93
C THR A 76 8.41 -14.27 -13.49
N ASN A 77 8.87 -13.34 -12.63
CA ASN A 77 9.33 -12.02 -13.06
C ASN A 77 8.25 -11.28 -13.84
N ASP A 78 7.00 -11.42 -13.40
CA ASP A 78 5.89 -10.84 -14.13
C ASP A 78 5.98 -9.32 -14.21
N GLN A 79 6.52 -8.70 -13.16
CA GLN A 79 6.60 -7.26 -13.07
C GLN A 79 7.64 -6.66 -14.02
N LEU A 80 8.48 -7.53 -14.61
CA LEU A 80 9.51 -7.09 -15.54
C LEU A 80 9.10 -7.30 -17.00
N THR A 81 7.90 -7.82 -17.24
CA THR A 81 7.41 -8.02 -18.59
C THR A 81 7.04 -6.72 -19.28
N PRO A 82 7.08 -6.70 -20.63
CA PRO A 82 6.61 -5.49 -21.30
C PRO A 82 5.14 -5.17 -20.99
N GLU A 83 4.36 -6.22 -20.83
CA GLU A 83 2.93 -6.08 -20.52
C GLU A 83 2.72 -5.36 -19.20
N PHE A 84 3.40 -5.80 -18.15
CA PHE A 84 3.28 -5.10 -16.88
C PHE A 84 3.85 -3.70 -16.97
N MET A 85 5.03 -3.58 -17.58
CA MET A 85 5.73 -2.30 -17.63
C MET A 85 5.02 -1.28 -18.50
N SER A 86 4.11 -1.72 -19.39
CA SER A 86 3.31 -0.80 -20.18
C SER A 86 2.38 0.00 -19.27
N LEU A 87 2.02 -0.55 -18.11
CA LEU A 87 1.22 0.15 -17.11
C LEU A 87 2.11 0.89 -16.11
N ASN A 88 3.08 0.18 -15.52
CA ASN A 88 4.02 0.81 -14.62
C ASN A 88 5.44 0.64 -15.16
N PRO A 89 6.00 1.69 -15.79
CA PRO A 89 7.37 1.56 -16.34
C PRO A 89 8.45 1.42 -15.26
N ASN A 90 8.09 1.65 -14.01
CA ASN A 90 8.96 1.41 -12.86
C ASN A 90 8.99 -0.04 -12.42
N ASN A 91 8.19 -0.90 -13.07
CA ASN A 91 8.26 -2.36 -12.83
C ASN A 91 7.86 -2.79 -11.43
N LYS A 92 6.99 -2.02 -10.77
CA LYS A 92 6.59 -2.35 -9.41
C LYS A 92 5.07 -2.41 -9.24
N ILE A 93 4.65 -3.26 -8.31
CA ILE A 93 3.27 -3.27 -7.86
C ILE A 93 3.14 -2.38 -6.62
N PRO A 94 1.92 -1.90 -6.34
CA PRO A 94 0.68 -2.07 -7.10
C PRO A 94 0.54 -1.07 -8.26
N ALA A 95 -0.36 -1.42 -9.17
CA ALA A 95 -0.80 -0.54 -10.21
C ALA A 95 -2.28 -0.84 -10.46
N ILE A 96 -3.01 0.14 -10.99
CA ILE A 96 -4.44 -0.03 -11.28
C ILE A 96 -4.78 0.52 -12.65
N ILE A 97 -5.92 0.05 -13.17
CA ILE A 97 -6.66 0.77 -14.22
C ILE A 97 -8.09 0.86 -13.73
N ASP A 98 -8.57 2.08 -13.51
CA ASP A 98 -9.96 2.28 -13.18
C ASP A 98 -10.72 2.54 -14.49
N PRO A 99 -11.58 1.61 -14.93
CA PRO A 99 -12.33 1.85 -16.18
C PRO A 99 -13.26 3.05 -16.05
N ASN A 100 -13.72 3.35 -14.85
CA ASN A 100 -14.69 4.43 -14.59
C ASN A 100 -13.95 5.64 -14.04
N GLY A 101 -13.00 6.17 -14.80
CA GLY A 101 -12.16 7.25 -14.31
C GLY A 101 -12.72 8.64 -14.51
N PRO A 102 -11.97 9.65 -14.07
CA PRO A 102 -12.36 11.02 -14.31
C PRO A 102 -12.67 11.27 -15.79
N ASP A 103 -13.61 12.16 -16.03
CA ASP A 103 -13.99 12.60 -17.36
C ASP A 103 -14.54 11.44 -18.21
N GLY A 104 -14.99 10.37 -17.54
CA GLY A 104 -15.59 9.21 -18.18
C GLY A 104 -14.64 8.33 -18.93
N LYS A 105 -13.34 8.41 -18.64
CA LYS A 105 -12.34 7.65 -19.34
C LYS A 105 -11.56 6.76 -18.38
N PRO A 106 -10.99 5.66 -18.87
CA PRO A 106 -10.18 4.84 -18.00
C PRO A 106 -8.97 5.58 -17.47
N LEU A 107 -8.58 5.32 -16.23
CA LEU A 107 -7.44 5.96 -15.63
C LEU A 107 -6.43 4.89 -15.18
N PRO A 108 -5.25 4.86 -15.83
CA PRO A 108 -4.15 4.05 -15.36
C PRO A 108 -3.42 4.80 -14.25
N LEU A 109 -2.93 4.08 -13.24
CA LEU A 109 -2.17 4.75 -12.18
C LEU A 109 -1.28 3.77 -11.46
N PHE A 110 -0.09 4.24 -11.07
CA PHE A 110 0.80 3.47 -10.21
C PHE A 110 1.27 4.39 -9.06
N GLU A 111 2.06 3.80 -8.17
CA GLU A 111 2.52 4.38 -6.89
C GLU A 111 1.36 4.25 -5.88
N SER A 112 1.56 3.38 -4.89
CA SER A 112 0.52 3.11 -3.89
C SER A 112 -0.03 4.40 -3.28
N GLY A 113 0.82 5.33 -2.87
CA GLY A 113 0.32 6.56 -2.24
C GLY A 113 -0.53 7.42 -3.17
N ALA A 114 -0.17 7.45 -4.45
CA ALA A 114 -1.00 8.15 -5.45
C ALA A 114 -2.36 7.47 -5.61
N ILE A 115 -2.35 6.14 -5.65
CA ILE A 115 -3.59 5.39 -5.77
C ILE A 115 -4.48 5.66 -4.55
N LEU A 116 -3.90 5.72 -3.35
CA LEU A 116 -4.72 5.99 -2.17
C LEU A 116 -5.42 7.34 -2.26
N ILE A 117 -4.70 8.37 -2.70
CA ILE A 117 -5.30 9.71 -2.86
C ILE A 117 -6.39 9.69 -3.95
N TYR A 118 -6.10 9.08 -5.09
CA TYR A 118 -7.09 8.93 -6.13
C TYR A 118 -8.38 8.27 -5.62
N LEU A 119 -8.23 7.13 -4.95
CA LEU A 119 -9.39 6.38 -4.51
C LEU A 119 -10.17 7.15 -3.47
N ALA A 120 -9.47 7.83 -2.58
CA ALA A 120 -10.18 8.61 -1.55
C ALA A 120 -10.98 9.74 -2.20
N ASP A 121 -10.38 10.40 -3.17
CA ASP A 121 -11.10 11.45 -3.90
C ASP A 121 -12.26 10.93 -4.73
N LYS A 122 -12.09 9.78 -5.36
CA LYS A 122 -13.09 9.23 -6.27
C LYS A 122 -14.43 9.15 -5.61
N THR A 123 -14.47 8.62 -4.40
CA THR A 123 -15.73 8.45 -3.70
C THR A 123 -15.84 9.25 -2.40
N GLY A 124 -14.88 10.12 -2.13
CA GLY A 124 -14.95 10.99 -0.96
C GLY A 124 -14.89 10.26 0.37
N GLN A 125 -14.07 9.21 0.46
CA GLN A 125 -13.97 8.38 1.66
C GLN A 125 -12.52 8.30 2.12
N LEU A 126 -12.32 8.39 3.44
CA LEU A 126 -11.05 8.09 4.11
C LEU A 126 -9.97 9.12 3.85
N ILE A 127 -10.41 10.32 3.48
CA ILE A 127 -9.57 11.53 3.48
C ILE A 127 -10.44 12.64 4.01
N PRO A 128 -9.89 13.52 4.87
CA PRO A 128 -10.71 14.63 5.32
C PRO A 128 -11.21 15.46 4.16
N GLN A 129 -12.40 15.97 4.30
CA GLN A 129 -13.00 16.76 3.24
C GLN A 129 -12.73 18.24 3.37
N ASP A 130 -12.26 18.70 4.55
CA ASP A 130 -11.80 20.08 4.65
C ASP A 130 -10.37 20.20 4.10
N ALA A 131 -10.04 21.37 3.53
CA ALA A 131 -8.75 21.55 2.83
C ALA A 131 -7.52 21.31 3.71
N ALA A 132 -7.51 21.92 4.87
CA ALA A 132 -6.36 21.79 5.74
C ALA A 132 -6.19 20.31 6.07
N GLY A 133 -7.28 19.63 6.37
CA GLY A 133 -7.21 18.20 6.72
C GLY A 133 -6.72 17.34 5.57
N ARG A 134 -7.14 17.69 4.37
CA ARG A 134 -6.69 17.00 3.20
C ARG A 134 -5.16 17.12 3.05
N TYR A 135 -4.62 18.33 3.20
CA TYR A 135 -3.18 18.50 3.05
C TYR A 135 -2.40 17.80 4.16
N GLU A 136 -2.98 17.81 5.35
CA GLU A 136 -2.38 17.04 6.45
C GLU A 136 -2.36 15.55 6.15
N ALA A 137 -3.43 15.03 5.55
CA ALA A 137 -3.45 13.63 5.14
C ALA A 137 -2.35 13.36 4.11
N ILE A 138 -2.23 14.24 3.11
CA ILE A 138 -1.22 14.05 2.08
C ILE A 138 0.18 14.10 2.71
N GLN A 139 0.40 15.01 3.65
CA GLN A 139 1.65 15.08 4.40
C GLN A 139 2.01 13.74 5.05
N TRP A 140 1.07 13.13 5.77
CA TRP A 140 1.37 11.87 6.43
C TRP A 140 1.51 10.71 5.44
N VAL A 141 0.80 10.73 4.32
CA VAL A 141 1.05 9.77 3.26
C VAL A 141 2.47 9.93 2.72
N MET A 142 2.89 11.18 2.47
CA MET A 142 4.26 11.44 2.03
C MET A 142 5.29 10.97 3.06
N PHE A 143 5.04 11.20 4.35
CA PHE A 143 5.94 10.74 5.38
C PHE A 143 6.14 9.23 5.23
N GLN A 144 5.05 8.49 5.03
CA GLN A 144 5.14 7.06 4.82
C GLN A 144 5.90 6.73 3.53
N MET A 145 5.54 7.37 2.43
CA MET A 145 6.08 7.04 1.12
C MET A 145 7.57 7.33 1.00
N GLY A 146 8.03 8.38 1.68
CA GLY A 146 9.43 8.76 1.63
C GLY A 146 10.27 8.29 2.79
N GLY A 147 9.64 7.80 3.85
CA GLY A 147 10.32 7.46 5.09
C GLY A 147 10.07 6.01 5.49
N ILE A 148 8.88 5.74 6.01
CA ILE A 148 8.50 4.41 6.47
C ILE A 148 8.76 3.32 5.45
N GLY A 149 8.20 3.43 4.25
CA GLY A 149 8.35 2.39 3.27
C GLY A 149 9.79 2.17 2.84
N PRO A 150 10.47 3.25 2.40
CA PRO A 150 11.83 3.05 1.92
C PRO A 150 12.76 2.50 3.02
N MET A 151 12.68 3.06 4.23
CA MET A 151 13.63 2.73 5.28
C MET A 151 13.32 1.39 5.91
N PHE A 152 12.07 1.10 6.21
CA PHE A 152 11.73 -0.25 6.68
C PHE A 152 12.12 -1.27 5.60
N GLY A 153 11.91 -0.94 4.33
CA GLY A 153 12.30 -1.86 3.27
C GLY A 153 13.78 -2.14 3.21
N GLN A 154 14.61 -1.14 3.48
CA GLN A 154 16.06 -1.37 3.48
C GLN A 154 16.45 -2.21 4.68
N LEU A 155 15.81 -2.00 5.83
CA LEU A 155 16.06 -2.89 6.97
C LEU A 155 15.66 -4.33 6.61
N GLY A 156 14.52 -4.50 5.96
CA GLY A 156 14.13 -5.85 5.55
C GLY A 156 15.19 -6.48 4.67
N PHE A 157 15.74 -5.71 3.75
CA PHE A 157 16.82 -6.25 2.92
C PHE A 157 17.99 -6.71 3.77
N PHE A 158 18.52 -5.81 4.58
CA PHE A 158 19.76 -6.13 5.26
C PHE A 158 19.59 -7.14 6.39
N HIS A 159 18.41 -7.25 6.97
CA HIS A 159 18.15 -8.22 8.03
C HIS A 159 17.69 -9.56 7.48
N LYS A 160 16.71 -9.56 6.57
CA LYS A 160 16.08 -10.77 6.13
C LYS A 160 16.65 -11.35 4.82
N PHE A 161 16.86 -10.51 3.83
CA PHE A 161 17.16 -10.99 2.47
C PHE A 161 18.64 -11.07 2.15
N ALA A 162 19.46 -10.22 2.75
CA ALA A 162 20.87 -10.11 2.37
C ALA A 162 21.58 -11.39 2.80
N GLY A 163 22.43 -11.90 1.93
CA GLY A 163 23.13 -13.15 2.21
C GLY A 163 24.38 -12.96 3.03
N LYS A 164 25.07 -14.07 3.23
CA LYS A 164 26.29 -14.12 4.04
C LYS A 164 27.43 -13.29 3.48
N GLU A 165 27.35 -12.91 2.20
CA GLU A 165 28.39 -12.11 1.60
C GLU A 165 28.41 -10.67 2.17
N TYR A 166 27.27 -10.25 2.71
CA TYR A 166 27.17 -9.01 3.50
C TYR A 166 27.49 -9.33 4.96
N GLU A 167 28.75 -9.58 5.21
CA GLU A 167 29.23 -9.80 6.59
C GLU A 167 29.21 -8.56 7.55
N ASP A 168 29.42 -7.39 7.00
CA ASP A 168 29.44 -6.15 7.74
C ASP A 168 27.98 -5.82 8.12
N LYS A 169 27.64 -5.75 9.44
CA LYS A 169 26.28 -5.38 9.88
C LYS A 169 26.04 -3.87 10.04
N ARG A 170 27.00 -3.07 9.59
CA ARG A 170 26.80 -1.63 9.66
C ARG A 170 25.61 -1.13 8.85
N PRO A 171 25.38 -1.64 7.63
CA PRO A 171 24.17 -1.20 6.93
C PRO A 171 22.91 -1.60 7.66
N ARG A 172 22.84 -2.83 8.15
CA ARG A 172 21.68 -3.23 8.96
C ARG A 172 21.48 -2.25 10.11
N ASP A 173 22.56 -1.95 10.82
CA ASP A 173 22.44 -1.10 12.02
C ASP A 173 21.95 0.30 11.66
N ARG A 174 22.39 0.80 10.52
CA ARG A 174 21.92 2.10 10.02
C ARG A 174 20.40 2.11 9.87
N TYR A 175 19.86 1.06 9.27
CA TYR A 175 18.43 1.01 9.03
C TYR A 175 17.64 0.62 10.27
N VAL A 176 18.25 -0.09 11.23
CA VAL A 176 17.63 -0.27 12.55
C VAL A 176 17.44 1.09 13.20
N ALA A 177 18.50 1.89 13.26
CA ALA A 177 18.42 3.17 13.91
C ALA A 177 17.38 4.06 13.27
N GLU A 178 17.35 4.08 11.94
CA GLU A 178 16.38 4.90 11.23
C GLU A 178 14.96 4.40 11.42
N SER A 179 14.76 3.08 11.40
CA SER A 179 13.43 2.55 11.63
C SER A 179 12.94 2.86 13.03
N LYS A 180 13.82 2.77 14.04
CA LYS A 180 13.45 3.19 15.38
C LYS A 180 13.09 4.68 15.45
N ARG A 181 13.83 5.49 14.72
CA ARG A 181 13.57 6.94 14.71
C ARG A 181 12.17 7.19 14.12
N LEU A 182 11.85 6.55 13.00
CA LEU A 182 10.55 6.69 12.35
C LEU A 182 9.43 6.19 13.24
N LEU A 183 9.63 5.04 13.90
CA LEU A 183 8.64 4.53 14.85
C LEU A 183 8.40 5.54 15.98
N GLY A 184 9.44 6.24 16.42
CA GLY A 184 9.28 7.27 17.43
C GLY A 184 8.44 8.45 16.96
N VAL A 185 8.59 8.83 15.70
CA VAL A 185 7.72 9.87 15.12
C VAL A 185 6.25 9.44 15.20
N LEU A 186 6.00 8.21 14.74
CA LEU A 186 4.65 7.69 14.76
CA LEU A 186 4.63 7.67 14.79
C LEU A 186 4.10 7.60 16.19
N GLU A 187 4.93 7.12 17.10
CA GLU A 187 4.55 6.96 18.50
C GLU A 187 4.12 8.29 19.11
N GLN A 188 4.99 9.25 18.91
CA GLN A 188 4.53 10.65 19.44
CA GLN A 188 4.61 10.57 19.38
C GLN A 188 3.25 11.27 18.77
N ARG A 189 3.14 10.99 17.46
CA ARG A 189 1.96 11.45 16.75
C ARG A 189 0.69 10.79 17.27
N LEU A 190 0.77 9.51 17.60
CA LEU A 190 -0.38 8.76 18.05
C LEU A 190 -0.72 9.01 19.52
N GLU A 191 0.12 9.73 20.26
CA GLU A 191 -0.20 10.06 21.64
C GLU A 191 -1.47 10.89 21.66
N GLY A 192 -2.48 10.38 22.36
CA GLY A 192 -3.76 11.07 22.46
C GLY A 192 -4.60 11.01 21.21
N ARG A 193 -4.24 10.18 20.22
CA ARG A 193 -4.98 10.05 18.99
C ARG A 193 -5.36 8.59 18.74
N GLU A 194 -6.55 8.37 18.22
CA GLU A 194 -6.94 7.02 17.83
CA GLU A 194 -6.94 7.03 17.81
C GLU A 194 -6.13 6.56 16.61
N TRP A 195 -6.07 7.44 15.61
CA TRP A 195 -5.43 7.20 14.34
C TRP A 195 -4.50 8.37 14.00
N ILE A 196 -3.78 8.26 12.90
CA ILE A 196 -2.76 9.26 12.61
C ILE A 196 -3.35 10.67 12.49
N LEU A 197 -4.56 10.80 11.94
CA LEU A 197 -5.20 12.12 11.78
C LEU A 197 -6.18 12.41 12.93
N GLY A 198 -6.18 11.62 13.99
CA GLY A 198 -7.04 11.83 15.17
C GLY A 198 -8.14 10.79 15.25
N ASP A 199 -9.39 11.21 15.36
CA ASP A 199 -10.48 10.27 15.52
C ASP A 199 -10.77 9.46 14.29
N GLN A 200 -10.54 10.04 13.12
CA GLN A 200 -10.96 9.39 11.89
C GLN A 200 -9.83 8.61 11.22
N TYR A 201 -10.07 7.30 11.08
CA TYR A 201 -9.24 6.42 10.27
C TYR A 201 -9.16 6.95 8.85
N SER A 202 -8.00 6.84 8.21
CA SER A 202 -7.80 7.47 6.93
C SER A 202 -6.77 6.72 6.09
N ILE A 203 -6.57 7.22 4.87
CA ILE A 203 -5.52 6.71 4.02
C ILE A 203 -4.12 6.82 4.66
N ALA A 204 -3.89 7.74 5.60
CA ALA A 204 -2.59 7.79 6.27
C ALA A 204 -2.33 6.48 7.04
N ASP A 205 -3.36 5.96 7.72
CA ASP A 205 -3.27 4.70 8.46
C ASP A 205 -3.07 3.53 7.50
N ILE A 206 -3.86 3.53 6.42
CA ILE A 206 -3.79 2.46 5.43
C ILE A 206 -2.38 2.41 4.80
N ALA A 207 -1.76 3.57 4.58
CA ALA A 207 -0.42 3.60 4.02
C ALA A 207 0.63 3.03 4.99
N THR A 208 0.43 3.31 6.28
CA THR A 208 1.49 3.14 7.27
C THR A 208 1.46 1.79 7.98
N PHE A 209 0.30 1.38 8.48
CA PHE A 209 0.28 0.18 9.32
C PHE A 209 0.64 -1.12 8.62
N PRO A 210 0.37 -1.29 7.30
CA PRO A 210 0.87 -2.50 6.65
C PRO A 210 2.41 -2.63 6.72
N TRP A 211 3.09 -1.48 6.72
CA TRP A 211 4.53 -1.48 6.83
C TRP A 211 4.99 -1.81 8.25
N VAL A 212 4.33 -1.28 9.28
CA VAL A 212 4.65 -1.67 10.64
C VAL A 212 4.44 -3.18 10.79
N ARG A 213 3.31 -3.69 10.30
CA ARG A 213 3.03 -5.10 10.35
C ARG A 213 4.16 -5.91 9.70
N ASN A 214 4.56 -5.53 8.50
CA ASN A 214 5.58 -6.27 7.74
C ASN A 214 6.94 -6.25 8.47
N LEU A 215 7.28 -5.12 9.04
CA LEU A 215 8.53 -4.95 9.73
C LEU A 215 8.68 -5.95 10.84
N ILE A 216 7.63 -6.11 11.65
CA ILE A 216 7.69 -6.93 12.84
C ILE A 216 7.21 -8.38 12.61
N GLY A 217 6.66 -8.65 11.44
CA GLY A 217 6.15 -9.97 11.06
C GLY A 217 7.11 -10.59 10.07
N PHE A 218 6.81 -10.45 8.79
CA PHE A 218 7.59 -11.02 7.70
C PHE A 218 9.08 -10.74 7.81
N TYR A 219 9.45 -9.49 8.09
CA TYR A 219 10.86 -9.17 8.15
C TYR A 219 11.56 -9.63 9.41
N GLU A 220 10.81 -10.02 10.43
CA GLU A 220 11.40 -10.54 11.67
C GLU A 220 12.32 -9.52 12.33
N ALA A 221 11.95 -8.23 12.22
CA ALA A 221 12.77 -7.14 12.75
C ALA A 221 12.21 -6.57 14.06
N GLY A 222 11.21 -7.24 14.65
CA GLY A 222 10.58 -6.73 15.85
C GLY A 222 11.48 -6.66 17.08
N GLU A 223 12.43 -7.58 17.19
CA GLU A 223 13.42 -7.54 18.25
CA GLU A 223 13.43 -7.54 18.25
C GLU A 223 14.43 -6.43 18.01
N LEU A 224 14.90 -6.29 16.77
CA LEU A 224 15.85 -5.23 16.46
C LEU A 224 15.30 -3.85 16.81
N VAL A 225 14.02 -3.59 16.50
CA VAL A 225 13.45 -2.27 16.75
C VAL A 225 12.80 -2.16 18.11
N ALA A 226 12.61 -3.29 18.80
CA ALA A 226 11.96 -3.36 20.11
C ALA A 226 10.58 -2.69 20.06
N ILE A 227 9.69 -3.30 19.31
CA ILE A 227 8.37 -2.74 19.05
C ILE A 227 7.60 -2.38 20.33
N GLN A 228 7.84 -3.14 21.39
CA GLN A 228 7.18 -2.92 22.67
C GLN A 228 7.51 -1.54 23.28
N ASP A 229 8.54 -0.88 22.78
CA ASP A 229 8.88 0.45 23.24
C ASP A 229 7.94 1.53 22.70
N PHE A 230 7.01 1.15 21.83
CA PHE A 230 6.11 2.07 21.13
C PHE A 230 4.66 1.68 21.43
N PRO A 231 4.20 1.93 22.67
CA PRO A 231 2.87 1.44 23.05
C PRO A 231 1.71 2.02 22.23
N ASN A 232 1.76 3.30 21.84
CA ASN A 232 0.71 3.84 20.98
C ASN A 232 0.71 3.14 19.63
N VAL A 233 1.90 2.90 19.07
CA VAL A 233 1.98 2.17 17.82
C VAL A 233 1.38 0.78 17.99
N GLN A 234 1.70 0.09 19.07
CA GLN A 234 1.17 -1.24 19.31
C GLN A 234 -0.35 -1.24 19.42
N ARG A 235 -0.90 -0.23 20.08
CA ARG A 235 -2.35 -0.06 20.20
C ARG A 235 -2.98 0.08 18.82
N ALA A 236 -2.47 1.02 18.04
CA ALA A 236 -3.07 1.30 16.74
C ALA A 236 -2.89 0.15 15.77
N LEU A 237 -1.71 -0.51 15.81
CA LEU A 237 -1.46 -1.64 14.96
C LEU A 237 -2.43 -2.78 15.26
N ALA A 238 -2.62 -3.09 16.55
CA ALA A 238 -3.54 -4.14 16.92
C ALA A 238 -4.96 -3.83 16.44
N ALA A 239 -5.39 -2.57 16.57
CA ALA A 239 -6.69 -2.18 16.08
C ALA A 239 -6.76 -2.34 14.55
N PHE A 240 -5.71 -1.90 13.88
CA PHE A 240 -5.66 -1.93 12.42
C PHE A 240 -5.82 -3.36 11.88
N VAL A 241 -5.02 -4.29 12.41
CA VAL A 241 -4.99 -5.63 11.83
C VAL A 241 -6.28 -6.38 12.05
N ALA A 242 -7.04 -5.99 13.08
CA ALA A 242 -8.31 -6.60 13.40
C ALA A 242 -9.48 -6.12 12.57
N ARG A 243 -9.33 -5.02 11.84
CA ARG A 243 -10.45 -4.51 11.04
C ARG A 243 -10.81 -5.55 9.96
N PRO A 244 -12.11 -5.89 9.82
CA PRO A 244 -12.43 -6.91 8.81
C PRO A 244 -11.98 -6.56 7.40
N ALA A 245 -12.06 -5.28 6.99
CA ALA A 245 -11.62 -4.91 5.66
C ALA A 245 -10.11 -5.05 5.51
N VAL A 246 -9.36 -4.85 6.59
CA VAL A 246 -7.91 -5.05 6.56
C VAL A 246 -7.60 -6.53 6.37
N VAL A 247 -8.26 -7.39 7.13
CA VAL A 247 -8.07 -8.82 6.98
C VAL A 247 -8.36 -9.27 5.53
N ARG A 248 -9.45 -8.77 4.94
CA ARG A 248 -9.74 -9.10 3.56
C ARG A 248 -8.65 -8.57 2.61
N GLY A 249 -8.25 -7.32 2.79
CA GLY A 249 -7.28 -6.71 1.89
C GLY A 249 -5.90 -7.35 1.97
N LEU A 250 -5.55 -7.87 3.14
CA LEU A 250 -4.24 -8.51 3.31
C LEU A 250 -4.14 -9.79 2.50
N ASP A 251 -5.28 -10.36 2.13
CA ASP A 251 -5.31 -11.65 1.41
C ASP A 251 -5.74 -11.46 -0.05
N SER A 252 -5.42 -10.35 -0.65
CA SER A 252 -5.85 -10.06 -2.03
C SER A 252 -4.73 -9.35 -2.76
N PRO A 253 -4.37 -9.77 -3.99
CA PRO A 253 -4.90 -10.91 -4.73
C PRO A 253 -4.60 -12.23 -4.06
N LYS A 254 -5.44 -13.22 -4.34
CA LYS A 254 -5.30 -14.55 -3.73
C LYS A 254 -4.19 -15.24 -4.44
N ARG A 255 -3.34 -15.93 -3.69
CA ARG A 255 -2.12 -16.54 -4.23
C ARG A 255 -2.44 -17.87 -4.89
N GLY A 256 -3.45 -18.57 -4.34
CA GLY A 256 -4.00 -19.78 -4.94
C GLY A 256 -5.40 -19.49 -5.43
#